data_3LT3
#
_entry.id   3LT3
#
_cell.length_a   42.603
_cell.length_b   44.207
_cell.length_c   53.356
_cell.angle_alpha   101.68
_cell.angle_beta   97.56
_cell.angle_gamma   105.05
#
_symmetry.space_group_name_H-M   'P 1'
#
loop_
_entity.id
_entity.type
_entity.pdbx_description
1 polymer 'POSSIBLE MEMBRANE-ASSOCIATED SERINE PROTEASE'
2 water water
#
_entity_poly.entity_id   1
_entity_poly.type   'polypeptide(L)'
_entity_poly.pdbx_seq_one_letter_code
;VIPVASPDPALVNNPVVAATEPSVVKIRSLAPRCQKVLEGTGFVISPDRVMTNAHVVAGSNNVTVYAGDKPFEATVVSYD
PSVDVAILAVPHLPPPPLVFAAEPAKTGADVVVLGYPGGGNFTATPARIREAIRLSGPDIYGDPEPVTRDVYTIRADVEQ
GDAGGPLIDLNGQVLGVVFGAAIDDAETGFVLTAGEVAGQLAKIGATQPVGTGACVS
;
_entity_poly.pdbx_strand_id   A,B
#
# COMPACT_ATOMS: atom_id res chain seq x y z
N VAL A 1 -1.71 31.72 -13.65
CA VAL A 1 -2.17 30.32 -13.37
C VAL A 1 -3.16 29.86 -14.43
N ILE A 2 -2.90 28.68 -15.00
CA ILE A 2 -3.80 28.08 -15.99
C ILE A 2 -4.97 27.37 -15.28
N PRO A 3 -6.20 27.75 -15.61
CA PRO A 3 -7.38 27.19 -14.94
C PRO A 3 -7.70 25.77 -15.39
N VAL A 4 -8.01 24.91 -14.44
CA VAL A 4 -8.45 23.54 -14.71
C VAL A 4 -9.64 23.18 -13.83
N ALA A 5 -10.31 22.08 -14.17
CA ALA A 5 -11.42 21.56 -13.39
C ALA A 5 -11.00 21.26 -11.96
N SER A 6 -11.95 21.39 -11.02
CA SER A 6 -11.70 21.06 -9.63
C SER A 6 -11.32 19.59 -9.48
N PRO A 7 -10.38 19.28 -8.57
CA PRO A 7 -9.94 17.90 -8.38
C PRO A 7 -11.08 16.97 -7.97
N ASP A 8 -11.03 15.73 -8.45
CA ASP A 8 -12.01 14.70 -8.12
C ASP A 8 -11.88 14.33 -6.64
N PRO A 9 -12.92 14.64 -5.83
CA PRO A 9 -12.87 14.39 -4.38
C PRO A 9 -12.75 12.90 -4.03
N ALA A 10 -13.14 12.04 -4.97
CA ALA A 10 -13.09 10.59 -4.78
C ALA A 10 -11.66 10.03 -4.68
N LEU A 11 -10.67 10.84 -5.05
CA LEU A 11 -9.26 10.44 -5.05
C LEU A 11 -8.70 10.07 -3.67
N VAL A 12 -9.38 10.48 -2.61
CA VAL A 12 -8.93 10.18 -1.24
C VAL A 12 -9.05 8.70 -0.89
N ASN A 13 -10.00 8.02 -1.53
CA ASN A 13 -10.26 6.60 -1.28
C ASN A 13 -9.67 5.67 -2.33
N ASN A 14 -9.06 6.25 -3.37
CA ASN A 14 -8.39 5.50 -4.42
C ASN A 14 -7.27 4.63 -3.84
N PRO A 15 -7.25 3.33 -4.19
CA PRO A 15 -6.25 2.38 -3.71
C PRO A 15 -4.81 2.86 -3.83
N VAL A 16 -4.57 3.84 -4.72
CA VAL A 16 -3.25 4.43 -4.90
C VAL A 16 -2.73 5.10 -3.61
N VAL A 17 -3.66 5.59 -2.79
CA VAL A 17 -3.33 6.23 -1.51
C VAL A 17 -2.80 5.21 -0.50
N ALA A 18 -3.53 4.11 -0.33
CA ALA A 18 -3.14 3.05 0.61
C ALA A 18 -1.88 2.32 0.18
N ALA A 19 -1.63 2.28 -1.14
CA ALA A 19 -0.46 1.61 -1.70
C ALA A 19 0.84 2.37 -1.44
N THR A 20 0.73 3.69 -1.34
CA THR A 20 1.90 4.55 -1.19
C THR A 20 2.06 5.08 0.23
N GLU A 21 0.96 5.07 0.99
CA GLU A 21 0.91 5.60 2.36
C GLU A 21 2.04 5.16 3.30
N PRO A 22 2.32 3.84 3.41
CA PRO A 22 3.38 3.41 4.33
C PRO A 22 4.76 4.01 4.03
N SER A 23 5.00 4.36 2.76
CA SER A 23 6.29 4.89 2.32
C SER A 23 6.39 6.41 2.40
N VAL A 24 5.28 7.06 2.75
CA VAL A 24 5.25 8.51 2.90
C VAL A 24 5.31 8.84 4.38
N VAL A 25 6.36 9.57 4.77
CA VAL A 25 6.69 9.74 6.18
C VAL A 25 6.61 11.21 6.62
N LYS A 26 6.34 11.40 7.92
CA LYS A 26 6.36 12.72 8.52
C LYS A 26 7.76 13.00 9.06
N ILE A 27 8.20 14.24 8.90
CA ILE A 27 9.52 14.66 9.38
C ILE A 27 9.43 15.81 10.37
N ARG A 28 10.06 15.63 11.53
CA ARG A 28 10.20 16.67 12.52
C ARG A 28 11.68 16.96 12.75
N SER A 29 12.08 18.22 12.63
CA SER A 29 13.47 18.62 12.84
C SER A 29 13.59 19.79 13.81
N LEU A 30 14.70 19.80 14.56
CA LEU A 30 14.97 20.85 15.54
C LEU A 30 16.24 21.61 15.17
N VAL A 37 10.58 21.84 15.92
CA VAL A 37 9.82 23.03 15.54
C VAL A 37 9.46 23.05 14.05
N LEU A 38 10.38 22.61 13.20
CA LEU A 38 10.15 22.54 11.76
C LEU A 38 9.59 21.17 11.35
N GLU A 39 8.57 21.18 10.51
CA GLU A 39 7.81 19.99 10.19
C GLU A 39 7.50 19.90 8.70
N GLY A 40 7.62 18.70 8.14
CA GLY A 40 7.36 18.47 6.74
C GLY A 40 7.04 17.03 6.40
N THR A 41 7.16 16.71 5.12
CA THR A 41 6.87 15.38 4.62
C THR A 41 8.06 14.86 3.82
N GLY A 42 8.22 13.54 3.79
CA GLY A 42 9.19 12.87 2.94
C GLY A 42 8.63 11.55 2.45
N PHE A 43 9.40 10.85 1.63
CA PHE A 43 9.04 9.50 1.19
C PHE A 43 10.28 8.65 0.93
N VAL A 44 10.12 7.33 1.02
CA VAL A 44 11.21 6.40 0.81
C VAL A 44 11.57 6.35 -0.68
N ILE A 45 12.82 6.68 -0.99
CA ILE A 45 13.31 6.63 -2.38
C ILE A 45 14.17 5.40 -2.66
N SER A 46 14.79 4.88 -1.62
CA SER A 46 15.55 3.62 -1.67
C SER A 46 15.66 3.07 -0.24
N PRO A 47 15.99 1.76 -0.10
CA PRO A 47 16.09 1.17 1.23
C PRO A 47 16.85 2.03 2.24
N ASP A 48 16.17 2.39 3.33
CA ASP A 48 16.74 3.17 4.44
C ASP A 48 17.12 4.61 4.06
N ARG A 49 16.53 5.12 2.98
CA ARG A 49 16.79 6.48 2.53
C ARG A 49 15.50 7.24 2.24
N VAL A 50 15.37 8.43 2.82
CA VAL A 50 14.18 9.26 2.67
C VAL A 50 14.55 10.58 2.00
N MET A 51 13.80 10.94 0.96
CA MET A 51 13.96 12.25 0.34
C MET A 51 12.95 13.21 0.94
N THR A 52 13.42 14.39 1.31
CA THR A 52 12.57 15.42 1.87
C THR A 52 12.95 16.81 1.38
N ASN A 53 12.23 17.82 1.86
CA ASN A 53 12.50 19.21 1.55
C ASN A 53 13.72 19.71 2.31
N ALA A 54 14.67 20.28 1.58
CA ALA A 54 15.94 20.74 2.16
C ALA A 54 15.77 21.88 3.18
N HIS A 55 14.78 22.73 2.96
CA HIS A 55 14.52 23.88 3.85
C HIS A 55 13.98 23.45 5.22
N VAL A 56 13.29 22.32 5.26
CA VAL A 56 12.75 21.77 6.51
C VAL A 56 13.87 21.29 7.45
N VAL A 57 14.86 20.59 6.87
CA VAL A 57 15.94 19.96 7.65
C VAL A 57 17.26 20.74 7.64
N ALA A 58 17.24 21.93 7.04
CA ALA A 58 18.44 22.76 6.85
C ALA A 58 19.24 22.97 8.13
N GLY A 59 20.39 22.30 8.20
CA GLY A 59 21.33 22.44 9.32
C GLY A 59 20.83 21.87 10.64
N SER A 60 20.00 20.84 10.56
CA SER A 60 19.42 20.22 11.75
C SER A 60 20.17 18.95 12.15
N ASN A 61 20.41 18.82 13.46
CA ASN A 61 21.06 17.64 14.01
C ASN A 61 20.09 16.70 14.72
N ASN A 62 18.84 17.16 14.88
CA ASN A 62 17.79 16.37 15.53
C ASN A 62 16.59 16.17 14.60
N VAL A 63 16.75 15.26 13.64
CA VAL A 63 15.69 14.94 12.68
C VAL A 63 15.09 13.57 13.00
N THR A 64 13.77 13.53 13.13
CA THR A 64 13.04 12.28 13.37
C THR A 64 12.10 12.00 12.20
N VAL A 65 12.03 10.73 11.82
CA VAL A 65 11.14 10.26 10.74
C VAL A 65 10.04 9.37 11.33
N TYR A 66 8.79 9.70 11.04
CA TYR A 66 7.65 8.91 11.47
C TYR A 66 7.05 8.15 10.30
N ALA A 67 7.21 6.83 10.30
CA ALA A 67 6.75 6.00 9.19
C ALA A 67 5.28 5.65 9.30
N GLY A 68 4.92 4.94 10.37
CA GLY A 68 3.53 4.59 10.63
C GLY A 68 3.15 4.94 12.06
N ASP A 69 3.19 6.24 12.37
CA ASP A 69 3.01 6.76 13.73
C ASP A 69 4.12 6.32 14.70
N LYS A 70 5.13 5.65 14.15
CA LYS A 70 6.30 5.22 14.93
C LYS A 70 7.58 5.93 14.48
N PRO A 71 8.38 6.43 15.45
CA PRO A 71 9.57 7.23 15.18
C PRO A 71 10.81 6.43 14.79
N PHE A 72 11.60 7.01 13.88
CA PHE A 72 12.87 6.45 13.45
C PHE A 72 13.87 7.60 13.39
N GLU A 73 15.07 7.37 13.89
CA GLU A 73 16.09 8.42 13.87
C GLU A 73 16.70 8.59 12.48
N ALA A 74 16.72 9.84 12.02
CA ALA A 74 17.24 10.16 10.70
C ALA A 74 18.46 11.07 10.81
N THR A 75 19.24 11.11 9.73
CA THR A 75 20.41 11.96 9.64
C THR A 75 20.48 12.55 8.23
N VAL A 76 20.63 13.87 8.15
CA VAL A 76 20.82 14.54 6.88
C VAL A 76 22.20 14.14 6.34
N VAL A 77 22.20 13.30 5.31
CA VAL A 77 23.45 12.81 4.73
C VAL A 77 23.76 13.50 3.39
N SER A 78 22.74 14.13 2.82
CA SER A 78 22.89 14.85 1.57
C SER A 78 22.18 16.20 1.64
N TYR A 79 22.95 17.25 1.84
CA TYR A 79 22.43 18.61 1.85
C TYR A 79 23.30 19.54 1.01
N ASP A 80 22.64 20.30 0.14
CA ASP A 80 23.30 21.30 -0.70
C ASP A 80 22.41 22.54 -0.72
N PRO A 81 22.93 23.70 -0.28
CA PRO A 81 22.17 24.96 -0.22
C PRO A 81 21.56 25.40 -1.56
N SER A 82 22.09 24.87 -2.66
CA SER A 82 21.60 25.22 -4.00
C SER A 82 20.54 24.25 -4.52
N VAL A 83 20.04 23.39 -3.64
CA VAL A 83 19.11 22.32 -4.01
C VAL A 83 17.88 22.34 -3.09
N ASP A 84 16.70 22.08 -3.67
CA ASP A 84 15.43 22.07 -2.92
C ASP A 84 15.23 20.79 -2.10
N VAL A 85 15.84 19.69 -2.52
CA VAL A 85 15.63 18.39 -1.87
C VAL A 85 16.82 17.96 -1.00
N ALA A 86 16.54 17.13 0.00
CA ALA A 86 17.59 16.57 0.87
C ALA A 86 17.36 15.09 1.12
N ILE A 87 18.44 14.35 1.37
CA ILE A 87 18.38 12.93 1.68
C ILE A 87 18.63 12.68 3.16
N LEU A 88 17.76 11.88 3.77
CA LEU A 88 17.92 11.44 5.15
C LEU A 88 18.29 9.97 5.17
N ALA A 89 19.26 9.61 6.01
CA ALA A 89 19.61 8.21 6.24
C ALA A 89 18.81 7.70 7.43
N VAL A 90 17.97 6.70 7.18
CA VAL A 90 17.06 6.18 8.20
C VAL A 90 17.19 4.66 8.32
N PRO A 91 18.11 4.18 9.18
CA PRO A 91 18.35 2.75 9.35
C PRO A 91 17.12 2.02 9.88
N HIS A 92 16.93 0.78 9.42
CA HIS A 92 15.84 -0.10 9.87
C HIS A 92 14.44 0.42 9.56
N LEU A 93 14.32 1.19 8.49
CA LEU A 93 13.03 1.73 8.05
C LEU A 93 12.31 0.70 7.18
N PRO A 94 11.20 0.13 7.70
CA PRO A 94 10.46 -0.95 7.04
C PRO A 94 9.92 -0.67 5.61
N PRO A 95 9.20 0.46 5.41
CA PRO A 95 8.51 0.64 4.11
C PRO A 95 9.43 0.59 2.88
N PRO A 96 8.91 0.05 1.76
CA PRO A 96 9.67 -0.05 0.51
C PRO A 96 9.75 1.29 -0.23
N PRO A 97 10.75 1.44 -1.13
CA PRO A 97 10.85 2.66 -1.93
C PRO A 97 9.68 2.88 -2.90
N LEU A 98 9.40 4.14 -3.18
CA LEU A 98 8.44 4.52 -4.23
C LEU A 98 9.18 4.69 -5.56
N VAL A 99 8.47 4.46 -6.66
CA VAL A 99 9.07 4.54 -8.00
C VAL A 99 8.61 5.80 -8.71
N PHE A 100 9.54 6.50 -9.34
CA PHE A 100 9.23 7.68 -10.13
C PHE A 100 8.64 7.31 -11.48
N ALA A 101 7.65 8.08 -11.92
CA ALA A 101 7.08 7.92 -13.25
C ALA A 101 8.09 8.35 -14.30
N ALA A 102 8.17 7.59 -15.38
CA ALA A 102 9.14 7.83 -16.44
C ALA A 102 8.66 8.84 -17.48
N GLU A 103 7.34 9.01 -17.56
CA GLU A 103 6.72 9.93 -18.52
C GLU A 103 6.12 11.14 -17.81
N PRO A 104 6.34 12.36 -18.37
CA PRO A 104 5.79 13.60 -17.79
C PRO A 104 4.26 13.63 -17.79
N ALA A 105 3.70 14.23 -16.74
CA ALA A 105 2.25 14.36 -16.59
C ALA A 105 1.67 15.41 -17.54
N LYS A 106 0.41 15.22 -17.92
CA LYS A 106 -0.28 16.13 -18.84
C LYS A 106 -1.34 16.97 -18.12
N THR A 107 -1.66 18.12 -18.70
CA THR A 107 -2.71 19.01 -18.23
C THR A 107 -4.05 18.27 -18.02
N GLY A 108 -4.67 18.50 -16.87
CA GLY A 108 -5.99 17.94 -16.58
C GLY A 108 -5.99 16.60 -15.87
N ALA A 109 -4.82 15.96 -15.83
CA ALA A 109 -4.69 14.64 -15.19
C ALA A 109 -4.95 14.70 -13.69
N ASP A 110 -5.72 13.74 -13.19
CA ASP A 110 -6.00 13.66 -11.76
C ASP A 110 -4.84 13.01 -11.02
N VAL A 111 -4.36 13.72 -10.01
CA VAL A 111 -3.22 13.30 -9.21
C VAL A 111 -3.53 13.49 -7.73
N VAL A 112 -2.65 12.99 -6.87
CA VAL A 112 -2.86 13.12 -5.42
C VAL A 112 -1.58 13.60 -4.74
N VAL A 113 -1.73 14.58 -3.85
CA VAL A 113 -0.66 15.03 -2.98
C VAL A 113 -0.77 14.25 -1.68
N LEU A 114 0.31 13.58 -1.30
CA LEU A 114 0.36 12.85 -0.03
C LEU A 114 1.32 13.55 0.93
N GLY A 115 0.84 13.83 2.14
CA GLY A 115 1.67 14.50 3.13
C GLY A 115 1.04 14.62 4.51
N TYR A 116 1.65 15.47 5.33
CA TYR A 116 1.20 15.69 6.69
C TYR A 116 1.00 17.20 6.91
N PRO A 117 -0.12 17.75 6.39
CA PRO A 117 -0.42 19.17 6.58
C PRO A 117 -0.51 19.52 8.05
N GLY A 118 0.08 20.65 8.43
CA GLY A 118 0.09 21.10 9.82
C GLY A 118 0.79 20.15 10.78
N GLY A 119 1.52 19.18 10.22
CA GLY A 119 2.23 18.17 11.01
C GLY A 119 1.31 17.22 11.75
N GLY A 120 0.11 17.00 11.22
CA GLY A 120 -0.87 16.11 11.82
C GLY A 120 -0.77 14.71 11.26
N ASN A 121 -1.92 14.08 11.06
CA ASN A 121 -1.98 12.74 10.48
C ASN A 121 -1.81 12.77 8.96
N PHE A 122 -1.54 11.60 8.39
CA PHE A 122 -1.43 11.45 6.94
C PHE A 122 -2.74 11.82 6.26
N THR A 123 -2.65 12.68 5.24
CA THR A 123 -3.83 13.04 4.45
C THR A 123 -3.50 13.05 2.96
N ALA A 124 -4.44 12.55 2.16
CA ALA A 124 -4.34 12.60 0.71
C ALA A 124 -5.14 13.80 0.23
N THR A 125 -4.48 14.67 -0.52
CA THR A 125 -5.12 15.86 -1.08
C THR A 125 -5.35 15.66 -2.57
N PRO A 126 -6.63 15.61 -2.99
CA PRO A 126 -6.96 15.49 -4.41
C PRO A 126 -6.39 16.66 -5.21
N ALA A 127 -5.83 16.36 -6.37
CA ALA A 127 -5.17 17.37 -7.19
C ALA A 127 -5.41 17.15 -8.68
N ARG A 128 -5.13 18.19 -9.47
CA ARG A 128 -5.19 18.12 -10.91
C ARG A 128 -4.05 18.93 -11.51
N ILE A 129 -3.38 18.38 -12.52
CA ILE A 129 -2.29 19.08 -13.19
C ILE A 129 -2.83 20.28 -13.96
N ARG A 130 -2.26 21.45 -13.70
CA ARG A 130 -2.58 22.65 -14.47
C ARG A 130 -1.70 22.71 -15.71
N GLU A 131 -0.38 22.74 -15.49
CA GLU A 131 0.58 22.97 -16.57
C GLU A 131 1.98 22.51 -16.16
N ALA A 132 2.72 21.97 -17.12
CA ALA A 132 4.15 21.73 -16.95
C ALA A 132 4.92 22.90 -17.54
N ILE A 133 5.74 23.55 -16.71
CA ILE A 133 6.45 24.77 -17.12
C ILE A 133 7.88 24.87 -16.60
N ARG A 134 8.68 25.66 -17.29
CA ARG A 134 10.01 26.06 -16.84
C ARG A 134 9.90 27.34 -16.01
N LEU A 135 10.07 27.19 -14.70
CA LEU A 135 9.97 28.31 -13.78
C LEU A 135 11.35 28.95 -13.57
N SER A 136 11.56 30.08 -14.25
CA SER A 136 12.84 30.77 -14.20
C SER A 136 12.74 32.12 -13.50
N GLY A 137 13.64 32.34 -12.55
CA GLY A 137 13.73 33.62 -11.85
C GLY A 137 14.99 34.37 -12.24
N PRO A 138 15.23 35.55 -11.64
CA PRO A 138 16.46 36.28 -11.88
C PRO A 138 17.64 35.66 -11.16
N ASP A 139 18.85 35.96 -11.63
CA ASP A 139 20.07 35.49 -10.99
C ASP A 139 20.43 36.42 -9.83
N ILE A 140 19.97 36.07 -8.63
CA ILE A 140 20.24 36.86 -7.43
C ILE A 140 21.70 36.67 -7.02
N TYR A 141 22.44 37.77 -6.93
CA TYR A 141 23.85 37.73 -6.60
C TYR A 141 24.09 37.25 -5.17
N GLY A 142 24.94 36.23 -5.03
CA GLY A 142 25.29 35.67 -3.73
C GLY A 142 24.26 34.73 -3.14
N ASP A 143 23.18 34.49 -3.88
CA ASP A 143 22.09 33.62 -3.43
C ASP A 143 22.20 32.25 -4.10
N PRO A 144 22.35 31.18 -3.28
CA PRO A 144 22.61 29.83 -3.78
C PRO A 144 21.42 29.12 -4.45
N GLU A 145 20.20 29.42 -4.01
CA GLU A 145 19.01 28.69 -4.49
C GLU A 145 18.86 28.70 -6.02
N PRO A 146 18.24 27.65 -6.60
CA PRO A 146 18.15 27.49 -8.06
C PRO A 146 17.56 28.71 -8.79
N VAL A 147 18.11 28.98 -9.97
CA VAL A 147 17.66 30.09 -10.81
C VAL A 147 16.53 29.61 -11.72
N THR A 148 16.56 28.34 -12.10
CA THR A 148 15.54 27.74 -12.97
C THR A 148 15.07 26.38 -12.45
N ARG A 149 13.79 26.09 -12.64
CA ARG A 149 13.17 24.84 -12.17
C ARG A 149 12.14 24.31 -13.16
N ASP A 150 12.22 23.02 -13.45
CA ASP A 150 11.15 22.33 -14.17
C ASP A 150 10.05 21.99 -13.18
N VAL A 151 8.86 22.53 -13.39
CA VAL A 151 7.78 22.39 -12.42
C VAL A 151 6.43 21.96 -13.01
N TYR A 152 5.59 21.39 -12.15
CA TYR A 152 4.16 21.29 -12.41
C TYR A 152 3.46 22.31 -11.54
N THR A 153 2.55 23.06 -12.14
CA THR A 153 1.56 23.81 -11.36
C THR A 153 0.35 22.91 -11.22
N ILE A 154 -0.20 22.85 -10.00
CA ILE A 154 -1.34 21.98 -9.72
C ILE A 154 -2.50 22.73 -9.07
N ARG A 155 -3.71 22.21 -9.25
CA ARG A 155 -4.84 22.67 -8.47
C ARG A 155 -5.03 21.72 -7.30
N ALA A 156 -4.84 22.25 -6.08
CA ALA A 156 -4.91 21.48 -4.85
C ALA A 156 -4.86 22.41 -3.66
N ASP A 157 -5.55 22.03 -2.59
CA ASP A 157 -5.48 22.76 -1.32
C ASP A 157 -4.22 22.32 -0.58
N VAL A 158 -3.08 22.86 -1.01
CA VAL A 158 -1.78 22.47 -0.46
C VAL A 158 -1.38 23.35 0.73
N GLU A 159 -0.60 22.77 1.64
CA GLU A 159 -0.17 23.45 2.86
C GLU A 159 1.33 23.20 3.06
N GLN A 160 2.00 24.07 3.82
CA GLN A 160 3.45 23.95 4.05
C GLN A 160 3.90 22.63 4.68
N GLY A 161 2.97 21.95 5.36
CA GLY A 161 3.22 20.62 5.90
C GLY A 161 3.42 19.57 4.82
N ASP A 162 2.87 19.84 3.64
CA ASP A 162 2.99 18.95 2.46
C ASP A 162 4.34 19.09 1.75
N ALA A 163 5.18 20.01 2.21
CA ALA A 163 6.49 20.24 1.59
C ALA A 163 7.34 18.99 1.68
N GLY A 164 7.85 18.54 0.54
CA GLY A 164 8.58 17.27 0.46
C GLY A 164 7.67 16.10 0.16
N GLY A 165 6.36 16.36 0.11
CA GLY A 165 5.37 15.33 -0.19
C GLY A 165 5.34 14.97 -1.67
N PRO A 166 5.17 13.67 -1.98
CA PRO A 166 5.13 13.26 -3.37
C PRO A 166 3.79 13.57 -4.05
N LEU A 167 3.86 13.90 -5.33
CA LEU A 167 2.70 13.96 -6.19
C LEU A 167 2.62 12.64 -6.94
N ILE A 168 1.50 11.94 -6.79
CA ILE A 168 1.37 10.58 -7.29
C ILE A 168 0.25 10.46 -8.35
N ASP A 169 0.56 9.75 -9.43
CA ASP A 169 -0.42 9.47 -10.50
C ASP A 169 -1.31 8.28 -10.14
N LEU A 170 -2.22 7.92 -11.06
CA LEU A 170 -3.16 6.82 -10.82
C LEU A 170 -2.49 5.43 -10.82
N ASN A 171 -1.27 5.35 -11.36
CA ASN A 171 -0.52 4.11 -11.39
C ASN A 171 0.23 3.82 -10.09
N GLY A 172 0.33 4.84 -9.23
CA GLY A 172 1.01 4.71 -7.94
C GLY A 172 2.44 5.23 -7.97
N GLN A 173 2.82 5.87 -9.07
CA GLN A 173 4.17 6.35 -9.28
C GLN A 173 4.31 7.85 -9.02
N VAL A 174 5.50 8.25 -8.56
CA VAL A 174 5.76 9.64 -8.18
C VAL A 174 6.05 10.50 -9.40
N LEU A 175 5.24 11.54 -9.58
CA LEU A 175 5.40 12.48 -10.68
C LEU A 175 6.33 13.62 -10.31
N GLY A 176 6.36 13.93 -9.01
CA GLY A 176 7.20 15.01 -8.50
C GLY A 176 7.01 15.28 -7.03
N VAL A 177 7.58 16.40 -6.57
CA VAL A 177 7.62 16.73 -5.15
C VAL A 177 7.13 18.15 -4.88
N VAL A 178 6.19 18.28 -3.95
CA VAL A 178 5.64 19.59 -3.55
C VAL A 178 6.71 20.44 -2.87
N PHE A 179 6.89 21.66 -3.37
CA PHE A 179 7.90 22.56 -2.81
C PHE A 179 7.39 23.99 -2.58
N GLY A 180 6.17 24.28 -3.03
CA GLY A 180 5.62 25.62 -2.87
C GLY A 180 4.17 25.81 -3.27
N ALA A 181 3.69 27.05 -3.14
CA ALA A 181 2.34 27.43 -3.52
C ALA A 181 2.33 28.86 -4.04
N ALA A 182 1.22 29.26 -4.65
CA ALA A 182 1.03 30.65 -5.05
C ALA A 182 0.55 31.46 -3.85
N ILE A 183 1.06 32.68 -3.72
CA ILE A 183 0.70 33.57 -2.61
C ILE A 183 -0.64 34.29 -2.82
N ASP A 184 -0.88 34.73 -4.04
CA ASP A 184 -2.10 35.47 -4.38
C ASP A 184 -3.23 34.54 -4.79
N ASP A 185 -2.88 33.35 -5.28
CA ASP A 185 -3.86 32.37 -5.71
C ASP A 185 -3.94 31.20 -4.75
N ALA A 186 -5.12 31.00 -4.15
CA ALA A 186 -5.40 29.82 -3.37
C ALA A 186 -5.67 28.65 -4.32
N GLU A 187 -5.57 27.42 -3.80
CA GLU A 187 -5.75 26.20 -4.58
C GLU A 187 -4.70 26.04 -5.69
N THR A 188 -3.53 26.64 -5.50
CA THR A 188 -2.44 26.55 -6.47
C THR A 188 -1.16 26.10 -5.78
N GLY A 189 -0.62 24.97 -6.24
CA GLY A 189 0.62 24.42 -5.72
C GLY A 189 1.69 24.28 -6.79
N PHE A 190 2.94 24.21 -6.34
CA PHE A 190 4.09 24.05 -7.24
C PHE A 190 4.82 22.76 -6.91
N VAL A 191 5.09 21.97 -7.95
CA VAL A 191 5.65 20.63 -7.81
C VAL A 191 6.87 20.50 -8.72
N LEU A 192 8.00 20.07 -8.15
CA LEU A 192 9.19 19.76 -8.96
C LEU A 192 8.90 18.50 -9.77
N THR A 193 9.22 18.52 -11.05
CA THR A 193 9.04 17.35 -11.91
C THR A 193 10.02 16.24 -11.52
N ALA A 194 9.75 15.01 -11.94
CA ALA A 194 10.68 13.90 -11.74
C ALA A 194 12.04 14.18 -12.38
N GLY A 195 12.03 14.86 -13.54
CA GLY A 195 13.27 15.30 -14.20
C GLY A 195 14.04 16.31 -13.37
N GLU A 196 13.32 17.25 -12.75
CA GLU A 196 13.90 18.27 -11.88
C GLU A 196 14.54 17.67 -10.62
N VAL A 197 13.83 16.74 -9.97
CA VAL A 197 14.38 16.09 -8.77
C VAL A 197 15.63 15.27 -9.10
N ALA A 198 15.63 14.62 -10.26
CA ALA A 198 16.78 13.86 -10.75
C ALA A 198 18.00 14.76 -10.93
N GLY A 199 17.79 15.92 -11.57
CA GLY A 199 18.85 16.91 -11.76
C GLY A 199 19.40 17.45 -10.46
N GLN A 200 18.52 17.67 -9.48
CA GLN A 200 18.92 18.16 -8.16
C GLN A 200 19.66 17.09 -7.34
N LEU A 201 19.13 15.86 -7.36
CA LEU A 201 19.81 14.72 -6.73
C LEU A 201 21.14 14.41 -7.41
N ALA A 202 21.24 14.75 -8.70
CA ALA A 202 22.48 14.58 -9.47
C ALA A 202 23.58 15.52 -8.98
N LYS A 203 23.21 16.76 -8.67
CA LYS A 203 24.15 17.73 -8.07
C LYS A 203 24.73 17.22 -6.77
N ILE A 204 23.88 16.60 -5.95
CA ILE A 204 24.31 15.99 -4.69
C ILE A 204 25.16 14.74 -4.93
N GLY A 205 24.73 13.89 -5.86
CA GLY A 205 25.49 12.69 -6.23
C GLY A 205 26.87 13.00 -6.80
N ALA A 206 26.98 14.14 -7.48
CA ALA A 206 28.23 14.57 -8.10
C ALA A 206 29.21 15.17 -7.09
N THR A 207 28.68 15.91 -6.11
CA THR A 207 29.50 16.65 -5.15
C THR A 207 29.90 15.86 -3.89
N GLN A 208 29.16 14.79 -3.59
CA GLN A 208 29.39 13.99 -2.39
C GLN A 208 30.72 13.20 -2.44
N PRO A 209 31.33 12.91 -1.27
CA PRO A 209 30.90 13.33 0.07
C PRO A 209 31.35 14.74 0.45
N VAL A 210 30.52 15.44 1.22
CA VAL A 210 30.83 16.78 1.71
C VAL A 210 30.54 16.93 3.21
N GLY A 211 31.42 17.65 3.90
CA GLY A 211 31.29 17.88 5.34
C GLY A 211 30.23 18.90 5.68
N VAL B 1 -19.06 -24.60 -15.77
CA VAL B 1 -19.95 -23.92 -14.79
C VAL B 1 -19.72 -22.41 -14.76
N ILE B 2 -20.65 -21.67 -15.37
CA ILE B 2 -20.58 -20.20 -15.49
C ILE B 2 -19.26 -19.70 -16.13
N PRO B 3 -19.14 -19.83 -17.46
CA PRO B 3 -17.91 -19.39 -18.14
C PRO B 3 -17.83 -17.86 -18.26
N VAL B 4 -16.65 -17.32 -17.98
CA VAL B 4 -16.41 -15.87 -18.11
C VAL B 4 -15.15 -15.60 -18.94
N ALA B 5 -14.90 -14.32 -19.22
CA ALA B 5 -13.69 -13.90 -19.94
C ALA B 5 -12.43 -14.19 -19.13
N SER B 6 -11.30 -14.29 -19.83
CA SER B 6 -10.02 -14.53 -19.19
C SER B 6 -9.61 -13.35 -18.30
N PRO B 7 -8.93 -13.63 -17.17
CA PRO B 7 -8.49 -12.59 -16.24
C PRO B 7 -7.60 -11.53 -16.90
N ASP B 8 -7.79 -10.28 -16.50
CA ASP B 8 -6.99 -9.16 -16.99
C ASP B 8 -5.55 -9.32 -16.52
N PRO B 9 -4.59 -9.41 -17.47
CA PRO B 9 -3.18 -9.62 -17.16
C PRO B 9 -2.55 -8.45 -16.39
N ALA B 10 -3.08 -7.25 -16.59
CA ALA B 10 -2.54 -6.03 -15.99
C ALA B 10 -2.89 -5.84 -14.51
N LEU B 11 -3.70 -6.76 -13.96
CA LEU B 11 -4.10 -6.71 -12.56
C LEU B 11 -2.96 -6.98 -11.58
N VAL B 12 -1.88 -7.60 -12.07
CA VAL B 12 -0.70 -7.89 -11.26
C VAL B 12 0.01 -6.63 -10.75
N ASN B 13 -0.12 -5.54 -11.51
CA ASN B 13 0.52 -4.28 -11.17
C ASN B 13 -0.46 -3.19 -10.71
N ASN B 14 -1.75 -3.54 -10.66
CA ASN B 14 -2.79 -2.66 -10.16
C ASN B 14 -2.51 -2.24 -8.71
N PRO B 15 -2.65 -0.93 -8.40
CA PRO B 15 -2.39 -0.38 -7.06
C PRO B 15 -3.02 -1.14 -5.88
N VAL B 16 -4.10 -1.88 -6.11
CA VAL B 16 -4.73 -2.69 -5.06
C VAL B 16 -3.80 -3.78 -4.51
N VAL B 17 -2.89 -4.27 -5.35
CA VAL B 17 -1.92 -5.28 -4.97
C VAL B 17 -0.95 -4.72 -3.93
N ALA B 18 -0.33 -3.59 -4.26
CA ALA B 18 0.60 -2.90 -3.35
C ALA B 18 -0.11 -2.41 -2.09
N ALA B 19 -1.37 -2.04 -2.22
CA ALA B 19 -2.19 -1.55 -1.10
C ALA B 19 -2.48 -2.63 -0.06
N THR B 20 -2.52 -3.88 -0.51
CA THR B 20 -2.94 -4.99 0.35
C THR B 20 -1.82 -5.96 0.70
N GLU B 21 -0.76 -5.97 -0.11
CA GLU B 21 0.38 -6.90 0.06
C GLU B 21 0.98 -6.98 1.48
N PRO B 22 1.28 -5.82 2.12
CA PRO B 22 1.89 -5.90 3.45
C PRO B 22 1.07 -6.67 4.48
N SER B 23 -0.25 -6.69 4.31
CA SER B 23 -1.16 -7.35 5.26
C SER B 23 -1.43 -8.81 4.91
N VAL B 24 -0.85 -9.29 3.81
CA VAL B 24 -1.00 -10.68 3.39
C VAL B 24 0.26 -11.46 3.75
N VAL B 25 0.09 -12.47 4.60
CA VAL B 25 1.22 -13.16 5.24
C VAL B 25 1.32 -14.65 4.89
N LYS B 26 2.55 -15.14 4.87
CA LYS B 26 2.82 -16.56 4.63
C LYS B 26 2.79 -17.32 5.95
N ILE B 27 2.19 -18.51 5.93
CA ILE B 27 2.08 -19.32 7.14
C ILE B 27 2.68 -20.72 6.95
N ARG B 28 3.55 -21.09 7.88
CA ARG B 28 4.14 -22.43 7.92
C ARG B 28 3.85 -23.07 9.27
N SER B 29 3.34 -24.30 9.23
CA SER B 29 2.98 -25.01 10.45
C SER B 29 3.57 -26.41 10.47
N LEU B 30 4.06 -26.82 11.64
CA LEU B 30 4.67 -28.13 11.82
C LEU B 30 3.77 -29.09 12.59
N CYS B 34 4.69 -35.50 11.56
CA CYS B 34 5.25 -36.23 10.43
C CYS B 34 6.14 -35.34 9.55
N GLN B 35 6.89 -35.97 8.65
CA GLN B 35 7.83 -35.27 7.77
C GLN B 35 7.10 -34.60 6.59
N LYS B 36 6.26 -33.62 6.91
CA LYS B 36 5.51 -32.87 5.90
C LYS B 36 5.18 -31.47 6.40
N VAL B 37 5.78 -30.47 5.76
CA VAL B 37 5.56 -29.07 6.14
C VAL B 37 4.32 -28.50 5.44
N LEU B 38 3.38 -28.00 6.23
CA LEU B 38 2.16 -27.39 5.71
C LEU B 38 2.36 -25.89 5.50
N GLU B 39 2.13 -25.44 4.26
CA GLU B 39 2.27 -24.04 3.91
C GLU B 39 0.99 -23.49 3.31
N GLY B 40 0.68 -22.24 3.66
CA GLY B 40 -0.50 -21.56 3.15
C GLY B 40 -0.38 -20.05 3.25
N THR B 41 -1.52 -19.37 3.16
CA THR B 41 -1.58 -17.92 3.22
C THR B 41 -2.57 -17.48 4.29
N GLY B 42 -2.35 -16.28 4.82
CA GLY B 42 -3.30 -15.62 5.71
C GLY B 42 -3.27 -14.13 5.46
N PHE B 43 -4.12 -13.40 6.18
CA PHE B 43 -4.11 -11.95 6.13
C PHE B 43 -4.57 -11.36 7.47
N VAL B 44 -4.15 -10.13 7.74
CA VAL B 44 -4.45 -9.45 8.99
C VAL B 44 -5.91 -8.98 8.97
N ILE B 45 -6.67 -9.41 9.98
CA ILE B 45 -8.08 -9.03 10.11
C ILE B 45 -8.31 -7.99 11.18
N SER B 46 -7.47 -8.02 12.22
CA SER B 46 -7.46 -7.03 13.28
C SER B 46 -6.03 -7.00 13.84
N PRO B 47 -5.68 -5.95 14.61
CA PRO B 47 -4.31 -5.85 15.11
C PRO B 47 -3.84 -7.13 15.80
N ASP B 48 -2.71 -7.67 15.34
CA ASP B 48 -2.09 -8.88 15.88
C ASP B 48 -2.94 -10.15 15.72
N ARG B 49 -3.83 -10.14 14.73
CA ARG B 49 -4.67 -11.30 14.43
C ARG B 49 -4.64 -11.63 12.95
N VAL B 50 -4.32 -12.88 12.64
CA VAL B 50 -4.27 -13.37 11.27
C VAL B 50 -5.34 -14.43 11.06
N MET B 51 -6.16 -14.24 10.02
CA MET B 51 -7.08 -15.29 9.60
C MET B 51 -6.41 -16.14 8.53
N THR B 52 -6.51 -17.46 8.69
CA THR B 52 -5.93 -18.40 7.74
C THR B 52 -6.84 -19.60 7.49
N ASN B 53 -6.37 -20.50 6.63
CA ASN B 53 -7.07 -21.75 6.35
C ASN B 53 -6.88 -22.72 7.52
N ALA B 54 -7.99 -23.29 8.00
CA ALA B 54 -7.97 -24.17 9.17
C ALA B 54 -7.22 -25.47 8.96
N HIS B 55 -7.27 -25.99 7.74
CA HIS B 55 -6.61 -27.26 7.40
C HIS B 55 -5.08 -27.13 7.31
N VAL B 56 -4.60 -25.91 7.13
CA VAL B 56 -3.15 -25.65 7.09
C VAL B 56 -2.56 -25.71 8.49
N VAL B 57 -3.31 -25.23 9.48
CA VAL B 57 -2.83 -25.18 10.87
C VAL B 57 -3.45 -26.25 11.77
N ALA B 58 -4.15 -27.20 11.15
CA ALA B 58 -4.86 -28.26 11.88
C ALA B 58 -3.92 -29.16 12.66
N GLY B 59 -4.11 -29.20 13.98
CA GLY B 59 -3.30 -30.03 14.88
C GLY B 59 -1.87 -29.55 15.05
N SER B 60 -1.63 -28.25 14.77
CA SER B 60 -0.29 -27.68 14.87
C SER B 60 -0.05 -26.99 16.22
N ASN B 61 1.08 -27.36 16.86
CA ASN B 61 1.54 -26.72 18.09
C ASN B 61 2.59 -25.66 17.80
N ASN B 62 3.14 -25.69 16.59
CA ASN B 62 4.18 -24.75 16.16
C ASN B 62 3.84 -24.12 14.80
N VAL B 63 3.43 -22.85 14.84
CA VAL B 63 3.05 -22.09 13.64
C VAL B 63 3.90 -20.82 13.51
N THR B 64 4.40 -20.57 12.30
CA THR B 64 5.21 -19.38 12.03
C THR B 64 4.56 -18.50 10.95
N VAL B 65 4.48 -17.20 11.23
CA VAL B 65 3.91 -16.23 10.31
C VAL B 65 5.01 -15.33 9.74
N TYR B 66 5.01 -15.17 8.41
CA TYR B 66 6.00 -14.34 7.72
C TYR B 66 5.35 -13.13 7.07
N ALA B 67 5.67 -11.94 7.59
CA ALA B 67 5.17 -10.69 7.05
C ALA B 67 6.26 -9.95 6.28
N ASP B 69 9.05 -11.76 4.59
CA ASP B 69 10.40 -12.26 4.85
C ASP B 69 10.72 -12.33 6.35
N LYS B 70 10.19 -11.37 7.11
CA LYS B 70 10.44 -11.28 8.55
C LYS B 70 9.59 -12.30 9.32
N PRO B 71 10.23 -13.17 10.12
CA PRO B 71 9.53 -14.20 10.87
C PRO B 71 8.85 -13.67 12.14
N PHE B 72 7.67 -14.20 12.45
CA PHE B 72 6.94 -13.85 13.66
C PHE B 72 6.34 -15.10 14.30
N GLU B 73 6.42 -15.18 15.63
CA GLU B 73 5.87 -16.30 16.38
C GLU B 73 4.35 -16.19 16.49
N ALA B 74 3.67 -17.30 16.22
CA ALA B 74 2.20 -17.32 16.22
C ALA B 74 1.63 -18.51 16.96
N THR B 75 0.44 -18.33 17.53
CA THR B 75 -0.29 -19.41 18.18
C THR B 75 -1.72 -19.48 17.65
N VAL B 76 -2.21 -20.69 17.42
CA VAL B 76 -3.59 -20.92 17.00
C VAL B 76 -4.51 -20.67 18.20
N VAL B 77 -5.41 -19.71 18.06
CA VAL B 77 -6.31 -19.34 19.16
C VAL B 77 -7.78 -19.69 18.89
N SER B 78 -8.07 -20.04 17.64
CA SER B 78 -9.43 -20.39 17.23
C SER B 78 -9.40 -21.44 16.12
N TYR B 79 -9.70 -22.69 16.48
CA TYR B 79 -9.72 -23.80 15.53
C TYR B 79 -10.83 -24.79 15.85
N ASP B 80 -11.76 -24.93 14.90
CA ASP B 80 -12.91 -25.83 15.04
C ASP B 80 -13.03 -26.67 13.76
N PRO B 81 -13.18 -28.00 13.91
CA PRO B 81 -13.22 -28.93 12.76
C PRO B 81 -14.37 -28.70 11.78
N SER B 82 -15.37 -27.94 12.20
CA SER B 82 -16.53 -27.63 11.35
C SER B 82 -16.36 -26.34 10.55
N VAL B 83 -15.18 -25.71 10.66
CA VAL B 83 -14.91 -24.39 10.09
C VAL B 83 -13.72 -24.45 9.12
N ASP B 84 -13.80 -23.68 8.03
CA ASP B 84 -12.73 -23.59 7.03
C ASP B 84 -11.63 -22.59 7.42
N VAL B 85 -11.99 -21.62 8.25
CA VAL B 85 -11.06 -20.56 8.66
C VAL B 85 -10.55 -20.75 10.09
N ALA B 86 -9.38 -20.18 10.37
CA ALA B 86 -8.78 -20.23 11.70
C ALA B 86 -8.10 -18.90 12.04
N ILE B 87 -8.06 -18.58 13.34
CA ILE B 87 -7.44 -17.34 13.81
C ILE B 87 -6.12 -17.61 14.52
N LEU B 88 -5.11 -16.80 14.19
CA LEU B 88 -3.80 -16.87 14.84
C LEU B 88 -3.50 -15.58 15.62
N ALA B 89 -2.93 -15.74 16.81
CA ALA B 89 -2.45 -14.61 17.60
C ALA B 89 -0.98 -14.37 17.27
N VAL B 90 -0.69 -13.21 16.69
CA VAL B 90 0.66 -12.86 16.27
C VAL B 90 1.10 -11.55 16.92
N PRO B 91 1.70 -11.63 18.12
CA PRO B 91 2.15 -10.43 18.85
C PRO B 91 3.15 -9.59 18.06
N HIS B 92 2.97 -8.26 18.12
CA HIS B 92 3.87 -7.29 17.50
C HIS B 92 3.99 -7.43 15.98
N LEU B 93 2.85 -7.65 15.33
CA LEU B 93 2.79 -7.74 13.88
C LEU B 93 2.47 -6.35 13.30
N PRO B 94 3.42 -5.77 12.55
CA PRO B 94 3.33 -4.40 12.00
C PRO B 94 2.12 -4.08 11.08
N PRO B 95 1.85 -4.91 10.04
CA PRO B 95 0.84 -4.52 9.04
C PRO B 95 -0.59 -4.28 9.58
N PRO B 96 -1.32 -3.34 8.95
CA PRO B 96 -2.69 -3.00 9.35
C PRO B 96 -3.71 -4.04 8.88
N PRO B 97 -4.86 -4.13 9.56
CA PRO B 97 -5.92 -5.04 9.12
C PRO B 97 -6.50 -4.68 7.74
N LEU B 98 -6.95 -5.69 7.01
CA LEU B 98 -7.67 -5.47 5.76
C LEU B 98 -9.16 -5.29 6.06
N VAL B 99 -9.89 -4.74 5.10
CA VAL B 99 -11.33 -4.45 5.27
C VAL B 99 -12.15 -5.31 4.31
N PHE B 100 -13.15 -6.00 4.86
CA PHE B 100 -14.09 -6.77 4.03
C PHE B 100 -15.06 -5.83 3.33
N ALA B 101 -15.37 -6.16 2.08
CA ALA B 101 -16.33 -5.40 1.29
C ALA B 101 -17.76 -5.65 1.78
N ALA B 102 -18.57 -4.59 1.79
CA ALA B 102 -19.94 -4.67 2.28
C ALA B 102 -20.88 -5.34 1.27
N GLU B 103 -20.67 -5.04 -0.01
CA GLU B 103 -21.55 -5.53 -1.08
C GLU B 103 -20.97 -6.77 -1.76
N PRO B 104 -21.84 -7.73 -2.15
CA PRO B 104 -21.41 -8.90 -2.91
C PRO B 104 -20.92 -8.54 -4.32
N ALA B 105 -20.01 -9.36 -4.86
CA ALA B 105 -19.43 -9.12 -6.17
C ALA B 105 -20.28 -9.71 -7.29
N LYS B 106 -20.36 -8.98 -8.40
CA LYS B 106 -21.15 -9.38 -9.56
C LYS B 106 -20.32 -10.17 -10.57
N THR B 107 -21.00 -10.87 -11.47
CA THR B 107 -20.37 -11.67 -12.53
C THR B 107 -19.51 -10.81 -13.45
N GLY B 108 -18.29 -11.28 -13.73
CA GLY B 108 -17.39 -10.61 -14.66
C GLY B 108 -16.48 -9.56 -14.06
N ALA B 109 -16.63 -9.32 -12.75
CA ALA B 109 -15.84 -8.32 -12.05
C ALA B 109 -14.36 -8.67 -11.99
N ASP B 110 -13.51 -7.65 -12.13
CA ASP B 110 -12.07 -7.83 -12.01
C ASP B 110 -11.68 -7.98 -10.55
N VAL B 111 -11.02 -9.10 -10.24
CA VAL B 111 -10.54 -9.38 -8.88
C VAL B 111 -9.10 -9.93 -8.89
N VAL B 112 -8.45 -9.91 -7.74
CA VAL B 112 -7.08 -10.42 -7.61
C VAL B 112 -6.97 -11.34 -6.40
N VAL B 113 -6.32 -12.49 -6.61
CA VAL B 113 -6.00 -13.41 -5.53
C VAL B 113 -4.57 -13.14 -5.05
N LEU B 114 -4.41 -12.95 -3.74
CA LEU B 114 -3.09 -12.72 -3.15
C LEU B 114 -2.69 -13.87 -2.25
N GLY B 115 -1.49 -14.40 -2.44
CA GLY B 115 -1.01 -15.53 -1.66
C GLY B 115 0.45 -15.89 -1.88
N TYR B 116 0.85 -17.02 -1.31
CA TYR B 116 2.20 -17.53 -1.43
C TYR B 116 2.17 -18.97 -1.97
N PRO B 117 2.15 -19.11 -3.31
CA PRO B 117 2.20 -20.42 -3.97
C PRO B 117 3.42 -21.23 -3.57
N GLY B 118 3.20 -22.47 -3.16
CA GLY B 118 4.27 -23.41 -2.80
C GLY B 118 5.17 -22.97 -1.66
N GLY B 119 4.70 -22.02 -0.86
CA GLY B 119 5.48 -21.47 0.25
C GLY B 119 6.65 -20.60 -0.21
N GLY B 120 6.54 -20.04 -1.41
CA GLY B 120 7.57 -19.17 -1.96
C GLY B 120 7.29 -17.71 -1.72
N ASN B 121 7.61 -16.89 -2.71
CA ASN B 121 7.40 -15.43 -2.64
C ASN B 121 5.92 -15.06 -2.81
N PHE B 122 5.61 -13.81 -2.46
CA PHE B 122 4.27 -13.24 -2.66
C PHE B 122 3.98 -13.12 -4.15
N THR B 123 2.75 -13.46 -4.53
CA THR B 123 2.30 -13.33 -5.92
C THR B 123 0.86 -12.82 -5.97
N ALA B 124 0.57 -11.99 -6.97
CA ALA B 124 -0.79 -11.54 -7.23
C ALA B 124 -1.32 -12.29 -8.44
N THR B 125 -2.42 -13.01 -8.25
CA THR B 125 -3.01 -13.81 -9.32
C THR B 125 -4.27 -13.14 -9.87
N PRO B 126 -4.23 -12.72 -11.14
CA PRO B 126 -5.38 -12.13 -11.82
C PRO B 126 -6.56 -13.10 -11.84
N ALA B 127 -7.75 -12.58 -11.57
CA ALA B 127 -8.95 -13.40 -11.49
C ALA B 127 -10.19 -12.67 -11.99
N ARG B 128 -11.28 -13.41 -12.17
CA ARG B 128 -12.56 -12.85 -12.56
C ARG B 128 -13.69 -13.65 -11.92
N ILE B 129 -14.70 -12.94 -11.42
CA ILE B 129 -15.85 -13.56 -10.79
C ILE B 129 -16.71 -14.28 -11.84
N ARG B 130 -16.90 -15.58 -11.65
CA ARG B 130 -17.79 -16.37 -12.50
C ARG B 130 -19.24 -16.19 -12.05
N GLU B 131 -19.51 -16.57 -10.80
CA GLU B 131 -20.85 -16.48 -10.22
C GLU B 131 -20.83 -16.59 -8.70
N ALA B 132 -21.84 -15.99 -8.07
CA ALA B 132 -22.06 -16.13 -6.63
C ALA B 132 -23.16 -17.15 -6.39
N ILE B 133 -22.79 -18.29 -5.84
CA ILE B 133 -23.73 -19.41 -5.66
C ILE B 133 -23.65 -20.03 -4.27
N ARG B 134 -24.72 -20.72 -3.88
CA ARG B 134 -24.74 -21.47 -2.63
C ARG B 134 -24.33 -22.92 -2.90
N LEU B 135 -23.12 -23.26 -2.46
CA LEU B 135 -22.55 -24.58 -2.68
C LEU B 135 -23.07 -25.55 -1.64
N SER B 136 -24.02 -26.40 -2.05
CA SER B 136 -24.65 -27.36 -1.17
C SER B 136 -24.29 -28.80 -1.55
N GLY B 137 -23.75 -29.54 -0.58
CA GLY B 137 -23.48 -30.96 -0.75
C GLY B 137 -24.41 -31.79 0.11
N PRO B 138 -24.23 -33.13 0.11
CA PRO B 138 -25.05 -33.98 0.96
C PRO B 138 -24.59 -33.94 2.43
N ASP B 139 -25.51 -34.25 3.34
CA ASP B 139 -25.19 -34.35 4.75
C ASP B 139 -24.45 -35.68 5.00
N ILE B 140 -23.12 -35.62 4.98
CA ILE B 140 -22.29 -36.80 5.24
C ILE B 140 -22.34 -37.13 6.72
N TYR B 141 -22.87 -38.31 7.04
CA TYR B 141 -23.04 -38.74 8.42
C TYR B 141 -21.72 -38.87 9.17
N GLY B 142 -21.64 -38.19 10.32
CA GLY B 142 -20.45 -38.22 11.17
C GLY B 142 -19.36 -37.23 10.78
N ASP B 143 -19.52 -36.58 9.64
CA ASP B 143 -18.53 -35.64 9.13
C ASP B 143 -18.82 -34.22 9.59
N PRO B 144 -17.86 -33.58 10.28
CA PRO B 144 -18.04 -32.25 10.87
C PRO B 144 -18.07 -31.08 9.88
N GLU B 145 -17.43 -31.23 8.72
CA GLU B 145 -17.26 -30.15 7.75
C GLU B 145 -18.60 -29.54 7.28
N PRO B 146 -18.59 -28.26 6.85
CA PRO B 146 -19.82 -27.58 6.42
C PRO B 146 -20.57 -28.32 5.33
N VAL B 147 -21.89 -28.31 5.42
CA VAL B 147 -22.76 -28.91 4.41
C VAL B 147 -23.03 -27.88 3.30
N THR B 148 -23.40 -26.67 3.70
CA THR B 148 -23.66 -25.58 2.77
C THR B 148 -22.65 -24.45 2.95
N ARG B 149 -22.22 -23.86 1.83
CA ARG B 149 -21.31 -22.72 1.83
C ARG B 149 -21.77 -21.68 0.83
N ASP B 150 -21.80 -20.42 1.25
CA ASP B 150 -21.97 -19.29 0.34
C ASP B 150 -20.61 -19.01 -0.29
N VAL B 151 -20.52 -19.18 -1.61
CA VAL B 151 -19.23 -19.09 -2.29
C VAL B 151 -19.22 -18.24 -3.56
N TYR B 152 -18.02 -17.84 -3.97
CA TYR B 152 -17.78 -17.34 -5.31
C TYR B 152 -17.00 -18.38 -6.08
N THR B 153 -17.40 -18.60 -7.33
CA THR B 153 -16.58 -19.33 -8.28
C THR B 153 -15.82 -18.28 -9.09
N ILE B 154 -14.53 -18.52 -9.31
CA ILE B 154 -13.69 -17.57 -10.04
C ILE B 154 -12.85 -18.26 -11.12
N ARG B 155 -12.47 -17.50 -12.15
CA ARG B 155 -11.51 -17.96 -13.14
C ARG B 155 -10.12 -17.47 -12.73
N ALA B 156 -9.26 -18.41 -12.34
CA ALA B 156 -7.91 -18.09 -11.84
C ALA B 156 -7.02 -19.33 -11.78
N ASP B 157 -5.71 -19.10 -11.79
CA ASP B 157 -4.72 -20.16 -11.63
C ASP B 157 -4.29 -20.28 -10.18
N VAL B 158 -5.17 -20.84 -9.35
CA VAL B 158 -4.91 -20.99 -7.92
C VAL B 158 -4.21 -22.32 -7.59
N GLU B 159 -3.53 -22.36 -6.45
CA GLU B 159 -2.85 -23.56 -5.97
C GLU B 159 -2.98 -23.66 -4.46
N GLN B 160 -2.55 -24.80 -3.89
CA GLN B 160 -2.67 -25.07 -2.45
C GLN B 160 -2.12 -23.95 -1.56
N GLY B 161 -1.05 -23.31 -2.01
CA GLY B 161 -0.43 -22.20 -1.29
C GLY B 161 -1.29 -20.96 -1.16
N ASP B 162 -2.28 -20.83 -2.04
CA ASP B 162 -3.21 -19.69 -2.02
C ASP B 162 -4.33 -19.85 -0.98
N ALA B 163 -4.44 -21.04 -0.39
CA ALA B 163 -5.44 -21.30 0.64
C ALA B 163 -5.27 -20.33 1.80
N GLY B 164 -6.36 -19.63 2.13
CA GLY B 164 -6.33 -18.58 3.15
C GLY B 164 -6.11 -17.21 2.55
N GLY B 165 -5.75 -17.17 1.27
CA GLY B 165 -5.49 -15.91 0.57
C GLY B 165 -6.75 -15.14 0.23
N PRO B 166 -6.73 -13.81 0.43
CA PRO B 166 -7.93 -13.00 0.18
C PRO B 166 -8.20 -12.76 -1.31
N LEU B 167 -9.49 -12.67 -1.65
CA LEU B 167 -9.92 -12.21 -2.95
C LEU B 167 -10.27 -10.73 -2.82
N ILE B 168 -9.58 -9.90 -3.61
CA ILE B 168 -9.65 -8.45 -3.46
C ILE B 168 -10.21 -7.77 -4.72
N ASP B 169 -11.10 -6.80 -4.51
CA ASP B 169 -11.71 -6.05 -5.60
C ASP B 169 -10.89 -4.82 -5.99
N LEU B 170 -11.39 -4.05 -6.97
CA LEU B 170 -10.71 -2.84 -7.45
C LEU B 170 -10.72 -1.69 -6.43
N ASN B 171 -11.50 -1.83 -5.37
CA ASN B 171 -11.53 -0.86 -4.28
C ASN B 171 -10.47 -1.17 -3.20
N GLY B 172 -9.89 -2.35 -3.29
CA GLY B 172 -8.87 -2.80 -2.33
C GLY B 172 -9.46 -3.48 -1.10
N GLN B 173 -10.73 -3.88 -1.21
CA GLN B 173 -11.44 -4.53 -0.11
C GLN B 173 -11.56 -6.04 -0.34
N VAL B 174 -11.64 -6.80 0.76
CA VAL B 174 -11.70 -8.26 0.71
C VAL B 174 -13.12 -8.76 0.44
N LEU B 175 -13.28 -9.43 -0.70
CA LEU B 175 -14.56 -10.01 -1.09
C LEU B 175 -14.77 -11.40 -0.53
N GLY B 176 -13.67 -12.07 -0.19
CA GLY B 176 -13.72 -13.43 0.36
C GLY B 176 -12.37 -14.10 0.48
N VAL B 177 -12.39 -15.39 0.78
CA VAL B 177 -11.17 -16.17 1.04
C VAL B 177 -11.13 -17.46 0.21
N VAL B 178 -10.00 -17.67 -0.48
CA VAL B 178 -9.77 -18.87 -1.29
C VAL B 178 -9.69 -20.11 -0.40
N PHE B 179 -10.42 -21.17 -0.77
CA PHE B 179 -10.43 -22.41 0.01
C PHE B 179 -10.35 -23.68 -0.84
N GLY B 180 -10.60 -23.55 -2.14
CA GLY B 180 -10.61 -24.71 -3.04
C GLY B 180 -10.41 -24.39 -4.50
N ALA B 181 -10.30 -25.44 -5.31
CA ALA B 181 -10.14 -25.31 -6.76
C ALA B 181 -11.17 -26.15 -7.51
N GLU B 187 -8.77 -24.09 -14.42
CA GLU B 187 -8.58 -22.66 -14.12
C GLU B 187 -9.78 -22.09 -13.37
N THR B 188 -10.31 -22.85 -12.42
CA THR B 188 -11.44 -22.41 -11.60
C THR B 188 -11.14 -22.56 -10.11
N GLY B 189 -11.31 -21.48 -9.37
CA GLY B 189 -11.11 -21.47 -7.92
C GLY B 189 -12.40 -21.23 -7.16
N PHE B 190 -12.39 -21.65 -5.89
CA PHE B 190 -13.56 -21.49 -5.02
C PHE B 190 -13.22 -20.59 -3.85
N VAL B 191 -14.10 -19.62 -3.61
CA VAL B 191 -13.85 -18.57 -2.63
C VAL B 191 -15.05 -18.46 -1.68
N LEU B 192 -14.80 -18.53 -0.38
CA LEU B 192 -15.84 -18.27 0.62
C LEU B 192 -16.16 -16.79 0.59
N THR B 193 -17.45 -16.45 0.50
CA THR B 193 -17.87 -15.04 0.48
C THR B 193 -17.58 -14.37 1.82
N ALA B 194 -17.61 -13.04 1.82
CA ALA B 194 -17.44 -12.26 3.03
C ALA B 194 -18.53 -12.56 4.06
N GLY B 195 -19.74 -12.85 3.57
CA GLY B 195 -20.86 -13.25 4.42
C GLY B 195 -20.65 -14.63 5.01
N GLU B 196 -20.07 -15.52 4.21
CA GLU B 196 -19.75 -16.89 4.64
C GLU B 196 -18.64 -16.90 5.69
N VAL B 197 -17.57 -16.14 5.45
CA VAL B 197 -16.48 -16.05 6.44
C VAL B 197 -16.98 -15.46 7.76
N ALA B 198 -17.88 -14.48 7.68
CA ALA B 198 -18.52 -13.88 8.86
C ALA B 198 -19.24 -14.95 9.68
N GLY B 199 -20.08 -15.75 9.03
CA GLY B 199 -20.83 -16.83 9.70
C GLY B 199 -19.93 -17.87 10.35
N GLN B 200 -18.83 -18.20 9.68
CA GLN B 200 -17.84 -19.12 10.22
C GLN B 200 -17.06 -18.53 11.40
N LEU B 201 -16.68 -17.26 11.29
CA LEU B 201 -16.07 -16.53 12.41
C LEU B 201 -17.04 -16.35 13.58
N ALA B 202 -18.33 -16.30 13.26
CA ALA B 202 -19.39 -16.22 14.27
C ALA B 202 -19.48 -17.51 15.07
N LYS B 203 -19.31 -18.65 14.39
CA LYS B 203 -19.29 -19.97 15.03
C LYS B 203 -18.11 -20.06 16.01
N ILE B 204 -16.98 -19.47 15.61
CA ILE B 204 -15.81 -19.33 16.47
C ILE B 204 -16.14 -18.41 17.65
N GLY B 205 -16.92 -17.35 17.37
CA GLY B 205 -17.45 -16.45 18.46
C GLY B 205 -17.81 -17.10 19.79
N ALA B 206 -18.56 -18.19 19.75
CA ALA B 206 -18.92 -18.96 20.98
C ALA B 206 -18.57 -20.45 20.82
N THR B 207 -17.73 -20.96 21.73
CA THR B 207 -17.21 -22.33 21.62
C THR B 207 -16.60 -22.84 22.94
N GLN B 208 -15.28 -22.69 23.04
CA GLN B 208 -14.51 -23.12 24.22
C GLN B 208 -14.34 -21.92 25.18
#